data_9BDH
#
_entry.id   9BDH
#
_cell.length_a   196.959
_cell.length_b   196.959
_cell.length_c   93.233
_cell.angle_alpha   90.000
_cell.angle_beta   90.000
_cell.angle_gamma   120.000
#
_symmetry.space_group_name_H-M   'P 31 2 1'
#
loop_
_entity.id
_entity.type
_entity.pdbx_description
1 polymer 'Fab 45.1 Heavy Chain'
2 polymer 'Fab 45.1 Light Chain'
3 polymer GT10.2
4 branched 2-acetamido-2-deoxy-beta-D-glucopyranose-(1-4)-2-acetamido-2-deoxy-beta-D-glucopyranose
#
loop_
_entity_poly.entity_id
_entity_poly.type
_entity_poly.pdbx_seq_one_letter_code
_entity_poly.pdbx_strand_id
1 'polypeptide(L)'
;EVQLQQSGPELVKPGASVKISCKASGYTFTDYYMNWVKQSHGKSLEWIGDINPNSGGSSYNQKFKARATLTVDKSSSTAY
MELRSLTSEDSAVYYCVKRGDFLRGYWYFDVWGTGTTVTVSSASTKGPSVFPLAPSSKSTSGGTAALGCLVKDYFPEPVT
VSWNSGALTSGVHTFPAVLQSSGLYSLSSVVTVPSSSLGTQTYICNVNHKPSNTKVDKKVEPKSC
;
H
2 'polypeptide(L)'
;DIVMTQSPASLAVSLGQRATISCRASKSVSTSGYNYMHWYQQKPGQPPKLLIYLASNLESGVPVRFSGSGSGTDFTLNIH
PVEEEDVATYYCQHSRELPFTFGSGTKLEIKRTVAAPSVFIFPPSDEQLKSGTASVVCLLNNFYPREAKVQWKVDNALQS
GNSQESVTEQDSKDSTYSLSSTLTLSKADYEKHKVYACEVTHQGLSSPVTKSFNRGEC
;
L
3 'polypeptide(L)'
;VTQEDIIRALASPLIKDGMVDEDFAEYVIARENRSPTGLQAKGVGVAIPHTLGDYVRDNAISVGILDKPVNFSGWYQSPD
PVPVRVVFMLAGRTWDDIVIVLKWIKDVILDEEFMKRLLNMSDEEIYRQIYTRISKAPNLSGINFSREYVRHL
;
C
#
# COMPACT_ATOMS: atom_id res chain seq x y z
N GLU A 1 17.26 6.93 -2.43
CA GLU A 1 15.81 6.87 -2.47
C GLU A 1 15.28 5.72 -1.62
N VAL A 2 14.25 6.00 -0.81
CA VAL A 2 13.66 4.97 0.04
C VAL A 2 12.92 3.96 -0.81
N GLN A 3 13.23 2.68 -0.63
CA GLN A 3 12.65 1.60 -1.41
C GLN A 3 12.25 0.46 -0.49
N LEU A 4 11.05 -0.07 -0.70
CA LEU A 4 10.51 -1.20 0.06
C LEU A 4 10.24 -2.33 -0.93
N GLN A 5 11.26 -3.13 -1.21
CA GLN A 5 11.12 -4.26 -2.13
C GLN A 5 10.51 -5.44 -1.39
N GLN A 6 9.44 -6.00 -1.95
CA GLN A 6 8.66 -7.04 -1.30
C GLN A 6 8.91 -8.39 -1.97
N SER A 7 8.40 -9.45 -1.35
CA SER A 7 8.60 -10.79 -1.85
C SER A 7 7.72 -11.04 -3.07
N GLY A 8 7.83 -12.26 -3.61
CA GLY A 8 7.10 -12.64 -4.80
C GLY A 8 5.71 -13.17 -4.48
N PRO A 9 4.91 -13.39 -5.53
CA PRO A 9 3.55 -13.89 -5.32
C PRO A 9 3.55 -15.28 -4.70
N GLU A 10 2.45 -15.60 -4.02
CA GLU A 10 2.33 -16.85 -3.29
C GLU A 10 0.97 -17.48 -3.53
N LEU A 11 0.97 -18.80 -3.74
CA LEU A 11 -0.25 -19.60 -3.77
C LEU A 11 -0.24 -20.51 -2.55
N VAL A 12 -1.24 -20.39 -1.69
CA VAL A 12 -1.30 -21.09 -0.42
C VAL A 12 -2.57 -21.93 -0.38
N LYS A 13 -2.45 -23.17 0.05
CA LYS A 13 -3.63 -24.00 0.26
C LYS A 13 -4.36 -23.57 1.53
N PRO A 14 -5.68 -23.71 1.56
CA PRO A 14 -6.44 -23.30 2.75
C PRO A 14 -5.99 -24.06 3.99
N GLY A 15 -5.94 -23.34 5.11
CA GLY A 15 -5.48 -23.90 6.37
C GLY A 15 -4.00 -23.78 6.60
N ALA A 16 -3.22 -23.48 5.57
CA ALA A 16 -1.77 -23.34 5.70
C ALA A 16 -1.42 -21.91 6.12
N SER A 17 -0.14 -21.57 6.06
CA SER A 17 0.35 -20.26 6.45
C SER A 17 1.33 -19.74 5.42
N VAL A 18 1.47 -18.41 5.38
CA VAL A 18 2.37 -17.74 4.44
C VAL A 18 3.20 -16.73 5.21
N LYS A 19 4.40 -16.46 4.71
CA LYS A 19 5.29 -15.46 5.29
C LYS A 19 5.83 -14.60 4.16
N ILE A 20 5.62 -13.28 4.24
CA ILE A 20 5.99 -12.34 3.20
C ILE A 20 7.18 -11.54 3.67
N SER A 21 8.15 -11.34 2.78
CA SER A 21 9.33 -10.55 3.08
C SER A 21 9.20 -9.15 2.50
N CYS A 22 9.98 -8.22 3.06
CA CYS A 22 9.92 -6.83 2.65
C CYS A 22 11.27 -6.20 2.98
N LYS A 23 12.13 -6.08 1.96
CA LYS A 23 13.45 -5.50 2.16
C LYS A 23 13.38 -3.98 2.02
N ALA A 24 14.03 -3.28 2.94
CA ALA A 24 14.05 -1.83 2.97
C ALA A 24 15.46 -1.31 2.68
N SER A 25 15.51 -0.15 2.03
CA SER A 25 16.79 0.49 1.71
C SER A 25 16.57 1.98 1.59
N GLY A 26 17.67 2.74 1.66
CA GLY A 26 17.62 4.17 1.51
C GLY A 26 17.39 4.95 2.78
N TYR A 27 17.27 4.29 3.92
CA TYR A 27 17.12 4.99 5.19
C TYR A 27 17.62 4.09 6.31
N THR A 28 17.86 4.71 7.47
CA THR A 28 18.22 3.96 8.67
C THR A 28 17.04 3.09 9.09
N PHE A 29 17.19 1.77 8.90
CA PHE A 29 16.04 0.86 8.94
C PHE A 29 15.32 0.89 10.28
N THR A 30 16.07 0.91 11.40
CA THR A 30 15.47 0.85 12.72
C THR A 30 14.83 2.16 13.15
N ASP A 31 15.00 3.24 12.39
CA ASP A 31 14.51 4.54 12.84
C ASP A 31 12.99 4.68 12.70
N TYR A 32 12.40 4.08 11.67
CA TYR A 32 10.99 4.28 11.36
C TYR A 32 10.20 2.99 11.56
N TYR A 33 8.99 3.12 12.09
CA TYR A 33 8.09 1.98 12.23
C TYR A 33 7.73 1.41 10.86
N MET A 34 7.46 0.11 10.83
CA MET A 34 7.03 -0.57 9.62
C MET A 34 5.62 -1.10 9.80
N ASN A 35 4.78 -0.90 8.78
CA ASN A 35 3.39 -1.32 8.83
C ASN A 35 3.10 -2.26 7.66
N TRP A 36 1.96 -2.95 7.77
CA TRP A 36 1.48 -3.84 6.72
C TRP A 36 0.00 -3.59 6.51
N VAL A 37 -0.40 -3.37 5.26
CA VAL A 37 -1.77 -3.08 4.90
C VAL A 37 -2.22 -4.08 3.84
N LYS A 38 -3.41 -4.65 4.03
CA LYS A 38 -4.00 -5.59 3.08
C LYS A 38 -5.04 -4.88 2.25
N GLN A 39 -5.00 -5.11 0.93
CA GLN A 39 -5.97 -4.57 -0.01
C GLN A 39 -6.70 -5.73 -0.66
N SER A 40 -7.98 -5.89 -0.34
CA SER A 40 -8.75 -7.02 -0.85
C SER A 40 -8.98 -6.85 -2.35
N HIS A 41 -9.72 -7.81 -2.93
CA HIS A 41 -10.02 -7.74 -4.35
C HIS A 41 -10.97 -6.59 -4.69
N GLY A 42 -11.67 -6.05 -3.69
CA GLY A 42 -12.49 -4.87 -3.86
C GLY A 42 -11.76 -3.56 -3.76
N LYS A 43 -10.43 -3.60 -3.67
CA LYS A 43 -9.58 -2.40 -3.60
C LYS A 43 -9.89 -1.56 -2.37
N SER A 44 -10.28 -2.21 -1.28
CA SER A 44 -10.48 -1.53 0.00
C SER A 44 -9.30 -1.87 0.91
N LEU A 45 -8.75 -0.85 1.55
CA LEU A 45 -7.53 -1.00 2.35
C LEU A 45 -7.87 -1.27 3.80
N GLU A 46 -7.17 -2.23 4.40
CA GLU A 46 -7.34 -2.58 5.81
C GLU A 46 -5.98 -2.71 6.46
N TRP A 47 -5.78 -1.97 7.56
CA TRP A 47 -4.50 -1.96 8.25
C TRP A 47 -4.36 -3.22 9.11
N ILE A 48 -3.18 -3.83 9.05
CA ILE A 48 -2.96 -5.12 9.71
C ILE A 48 -2.26 -4.90 11.03
N GLY A 49 -1.11 -4.23 11.00
CA GLY A 49 -0.37 -3.99 12.22
C GLY A 49 0.91 -3.23 11.95
N ASP A 50 1.52 -2.75 13.03
CA ASP A 50 2.80 -2.07 13.00
C ASP A 50 3.81 -2.86 13.82
N ILE A 51 5.10 -2.57 13.57
CA ILE A 51 6.18 -3.17 14.34
C ILE A 51 7.29 -2.16 14.51
N ASN A 52 7.87 -2.10 15.71
CA ASN A 52 9.07 -1.31 15.96
C ASN A 52 10.28 -2.14 15.55
N PRO A 53 11.00 -1.73 14.50
CA PRO A 53 12.14 -2.54 14.04
C PRO A 53 13.28 -2.65 15.05
N ASN A 54 13.37 -1.71 16.00
CA ASN A 54 14.49 -1.74 16.94
C ASN A 54 14.21 -2.65 18.13
N SER A 55 12.96 -2.69 18.61
CA SER A 55 12.61 -3.51 19.76
C SER A 55 11.91 -4.80 19.40
N GLY A 56 11.38 -4.92 18.18
CA GLY A 56 10.56 -6.04 17.82
C GLY A 56 9.12 -5.97 18.29
N GLY A 57 8.77 -4.97 19.08
CA GLY A 57 7.41 -4.80 19.55
C GLY A 57 6.43 -4.55 18.43
N SER A 58 5.30 -5.24 18.45
CA SER A 58 4.31 -5.17 17.39
C SER A 58 2.93 -4.94 17.98
N SER A 59 2.12 -4.15 17.28
CA SER A 59 0.72 -3.95 17.61
C SER A 59 -0.12 -4.36 16.42
N TYR A 60 -1.25 -5.03 16.68
CA TYR A 60 -2.02 -5.67 15.63
C TYR A 60 -3.46 -5.18 15.64
N ASN A 61 -4.07 -5.21 14.44
CA ASN A 61 -5.51 -5.05 14.33
C ASN A 61 -6.21 -6.26 14.94
N GLN A 62 -7.32 -6.01 15.64
CA GLN A 62 -8.02 -7.09 16.32
C GLN A 62 -8.58 -8.13 15.34
N LYS A 63 -8.99 -7.70 14.15
CA LYS A 63 -9.61 -8.62 13.20
C LYS A 63 -8.64 -9.70 12.76
N PHE A 64 -7.41 -9.32 12.43
CA PHE A 64 -6.38 -10.24 11.98
C PHE A 64 -5.57 -10.83 13.12
N LYS A 65 -5.80 -10.39 14.35
CA LYS A 65 -4.99 -10.81 15.47
C LYS A 65 -5.10 -12.31 15.71
N ALA A 66 -4.09 -12.87 16.39
CA ALA A 66 -3.89 -14.29 16.62
C ALA A 66 -3.56 -15.06 15.34
N ARG A 67 -3.59 -14.37 14.20
CA ARG A 67 -3.16 -14.95 12.93
C ARG A 67 -2.00 -14.21 12.28
N ALA A 68 -1.80 -12.93 12.60
CA ALA A 68 -0.72 -12.14 12.03
C ALA A 68 0.45 -12.05 13.00
N THR A 69 1.66 -12.16 12.46
CA THR A 69 2.89 -12.10 13.24
C THR A 69 3.87 -11.18 12.53
N LEU A 70 4.33 -10.14 13.23
CA LEU A 70 5.24 -9.15 12.68
C LEU A 70 6.63 -9.37 13.26
N THR A 71 7.60 -9.59 12.38
CA THR A 71 9.00 -9.75 12.77
C THR A 71 9.88 -8.95 11.83
N VAL A 72 11.09 -8.64 12.30
CA VAL A 72 12.08 -7.94 11.49
C VAL A 72 13.42 -8.66 11.60
N ASP A 73 14.32 -8.32 10.68
CA ASP A 73 15.70 -8.78 10.71
C ASP A 73 16.58 -7.54 10.62
N LYS A 74 17.14 -7.12 11.76
CA LYS A 74 17.86 -5.86 11.82
C LYS A 74 19.10 -5.85 10.92
N SER A 75 19.72 -7.01 10.71
CA SER A 75 20.96 -7.04 9.94
C SER A 75 20.71 -6.74 8.47
N SER A 76 19.72 -7.40 7.87
CA SER A 76 19.45 -7.27 6.45
C SER A 76 18.41 -6.21 6.13
N SER A 77 17.88 -5.51 7.15
CA SER A 77 16.87 -4.48 6.95
C SER A 77 15.65 -5.03 6.20
N THR A 78 15.10 -6.12 6.72
CA THR A 78 13.98 -6.81 6.09
C THR A 78 12.86 -6.98 7.10
N ALA A 79 11.64 -6.65 6.68
CA ALA A 79 10.46 -6.83 7.51
C ALA A 79 9.67 -8.04 7.04
N TYR A 80 9.19 -8.83 8.00
CA TYR A 80 8.46 -10.05 7.71
C TYR A 80 7.06 -9.98 8.32
N MET A 81 6.09 -10.52 7.58
CA MET A 81 4.72 -10.67 8.06
C MET A 81 4.28 -12.11 7.82
N GLU A 82 3.71 -12.73 8.85
CA GLU A 82 3.29 -14.12 8.79
C GLU A 82 1.80 -14.21 9.11
N LEU A 83 1.03 -14.79 8.20
CA LEU A 83 -0.41 -14.96 8.37
C LEU A 83 -0.73 -16.45 8.38
N ARG A 84 -1.36 -16.91 9.45
CA ARG A 84 -1.63 -18.33 9.66
C ARG A 84 -3.11 -18.63 9.49
N SER A 85 -3.41 -19.92 9.30
CA SER A 85 -4.77 -20.43 9.16
C SER A 85 -5.51 -19.71 8.03
N LEU A 86 -4.85 -19.64 6.87
CA LEU A 86 -5.36 -18.86 5.75
C LEU A 86 -6.64 -19.47 5.18
N THR A 87 -7.53 -18.60 4.71
CA THR A 87 -8.75 -19.00 4.02
C THR A 87 -8.87 -18.21 2.72
N SER A 88 -10.00 -18.35 2.03
CA SER A 88 -10.19 -17.61 0.79
C SER A 88 -10.38 -16.12 1.05
N GLU A 89 -10.88 -15.76 2.24
CA GLU A 89 -11.07 -14.36 2.57
C GLU A 89 -9.73 -13.61 2.63
N ASP A 90 -8.64 -14.32 2.93
CA ASP A 90 -7.33 -13.70 3.01
C ASP A 90 -6.64 -13.56 1.66
N SER A 91 -7.27 -13.99 0.58
CA SER A 91 -6.72 -13.81 -0.76
C SER A 91 -6.80 -12.33 -1.12
N ALA A 92 -5.66 -11.64 -1.11
CA ALA A 92 -5.62 -10.21 -1.34
C ALA A 92 -4.19 -9.81 -1.71
N VAL A 93 -3.95 -8.51 -1.79
CA VAL A 93 -2.62 -7.96 -2.02
C VAL A 93 -2.15 -7.32 -0.72
N TYR A 94 -0.95 -7.69 -0.29
CA TYR A 94 -0.41 -7.27 1.00
C TYR A 94 0.77 -6.33 0.78
N TYR A 95 0.67 -5.13 1.33
CA TYR A 95 1.70 -4.10 1.20
C TYR A 95 2.43 -3.91 2.53
N CYS A 96 3.75 -3.77 2.46
CA CYS A 96 4.54 -3.26 3.56
C CYS A 96 4.77 -1.77 3.34
N VAL A 97 4.40 -0.95 4.32
CA VAL A 97 4.43 0.49 4.17
C VAL A 97 5.25 1.11 5.28
N LYS A 98 6.03 2.13 4.94
CA LYS A 98 6.91 2.80 5.88
C LYS A 98 6.16 3.92 6.59
N ARG A 99 6.57 4.20 7.82
CA ARG A 99 5.92 5.23 8.63
C ARG A 99 6.04 6.60 7.97
N GLY A 100 7.24 7.19 7.98
CA GLY A 100 7.41 8.47 7.34
C GLY A 100 7.83 9.57 8.29
N ASP A 101 7.10 9.72 9.40
CA ASP A 101 7.50 10.64 10.44
C ASP A 101 8.44 9.93 11.42
N PHE A 102 9.46 10.64 11.86
CA PHE A 102 10.51 10.03 12.66
C PHE A 102 10.03 9.75 14.08
N LEU A 103 9.83 10.82 14.88
CA LEU A 103 9.39 10.69 16.29
C LEU A 103 8.46 11.87 16.59
N ARG A 104 7.18 11.73 16.24
CA ARG A 104 6.25 12.84 16.31
C ARG A 104 4.83 12.39 16.56
N GLY A 105 4.59 11.09 16.49
CA GLY A 105 3.25 10.58 16.65
C GLY A 105 2.31 10.91 15.53
N TYR A 106 2.82 11.41 14.40
CA TYR A 106 1.96 11.68 13.24
C TYR A 106 1.34 10.40 12.71
N TRP A 107 2.14 9.35 12.56
CA TRP A 107 1.67 8.02 12.16
C TRP A 107 0.97 8.05 10.81
N TYR A 108 1.55 8.77 9.84
CA TYR A 108 1.07 8.66 8.47
C TYR A 108 1.90 7.60 7.75
N PHE A 109 1.78 7.54 6.42
CA PHE A 109 2.53 6.58 5.61
C PHE A 109 3.10 7.29 4.40
N ASP A 110 4.40 7.13 4.19
CA ASP A 110 5.09 7.86 3.12
C ASP A 110 5.40 6.99 1.90
N VAL A 111 5.74 5.72 2.11
CA VAL A 111 6.14 4.84 1.01
C VAL A 111 5.47 3.48 1.19
N TRP A 112 4.79 3.02 0.15
CA TRP A 112 4.17 1.69 0.11
C TRP A 112 5.05 0.74 -0.68
N GLY A 113 5.15 -0.50 -0.21
CA GLY A 113 5.99 -1.48 -0.85
C GLY A 113 5.51 -1.86 -2.24
N THR A 114 6.31 -2.70 -2.90
CA THR A 114 5.98 -3.14 -4.26
C THR A 114 4.71 -3.98 -4.30
N GLY A 115 4.39 -4.67 -3.20
CA GLY A 115 3.18 -5.46 -3.14
C GLY A 115 3.40 -6.92 -3.43
N THR A 116 2.66 -7.79 -2.73
CA THR A 116 2.75 -9.23 -2.90
C THR A 116 1.34 -9.78 -3.03
N THR A 117 1.05 -10.42 -4.15
CA THR A 117 -0.26 -11.01 -4.40
C THR A 117 -0.32 -12.39 -3.75
N VAL A 118 -1.29 -12.59 -2.86
CA VAL A 118 -1.48 -13.86 -2.16
C VAL A 118 -2.83 -14.43 -2.57
N THR A 119 -2.80 -15.58 -3.23
CA THR A 119 -4.00 -16.28 -3.64
C THR A 119 -4.12 -17.57 -2.82
N VAL A 120 -5.29 -17.78 -2.22
CA VAL A 120 -5.53 -18.95 -1.38
C VAL A 120 -6.60 -19.81 -2.05
N SER A 121 -6.22 -21.00 -2.49
CA SER A 121 -7.16 -21.94 -3.07
C SER A 121 -6.57 -23.34 -3.01
N SER A 122 -7.42 -24.33 -3.21
CA SER A 122 -6.98 -25.71 -3.26
C SER A 122 -6.39 -26.09 -4.62
N ALA A 123 -6.63 -25.29 -5.65
CA ALA A 123 -6.17 -25.62 -6.99
C ALA A 123 -4.66 -25.55 -7.09
N SER A 124 -4.11 -26.36 -7.99
CA SER A 124 -2.67 -26.35 -8.24
C SER A 124 -2.30 -25.24 -9.21
N THR A 125 -1.08 -24.75 -9.07
CA THR A 125 -0.61 -23.69 -9.96
C THR A 125 -0.40 -24.23 -11.38
N LYS A 126 -0.77 -23.43 -12.36
CA LYS A 126 -0.63 -23.79 -13.76
C LYS A 126 -0.06 -22.61 -14.54
N GLY A 127 0.91 -22.89 -15.40
CA GLY A 127 1.53 -21.86 -16.20
C GLY A 127 0.70 -21.51 -17.42
N PRO A 128 0.95 -20.34 -17.99
CA PRO A 128 0.20 -19.90 -19.17
C PRO A 128 0.88 -20.29 -20.47
N SER A 129 0.12 -20.19 -21.55
CA SER A 129 0.62 -20.39 -22.91
C SER A 129 0.62 -19.05 -23.63
N VAL A 130 1.77 -18.68 -24.20
CA VAL A 130 1.94 -17.39 -24.85
C VAL A 130 1.81 -17.59 -26.35
N PHE A 131 0.82 -16.93 -26.96
CA PHE A 131 0.55 -17.06 -28.38
C PHE A 131 0.62 -15.68 -29.03
N PRO A 132 1.32 -15.55 -30.15
CA PRO A 132 1.49 -14.21 -30.75
C PRO A 132 0.25 -13.74 -31.47
N LEU A 133 -0.09 -12.47 -31.25
CA LEU A 133 -1.14 -11.79 -32.03
C LEU A 133 -0.43 -11.09 -33.18
N ALA A 134 -0.24 -11.83 -34.27
CA ALA A 134 0.58 -11.34 -35.38
C ALA A 134 -0.05 -10.09 -35.99
N PRO A 135 0.75 -9.07 -36.32
CA PRO A 135 0.19 -7.88 -36.96
C PRO A 135 -0.36 -8.22 -38.33
N SER A 136 -1.43 -7.54 -38.71
CA SER A 136 -2.09 -7.81 -39.98
C SER A 136 -1.14 -7.52 -41.14
N SER A 137 -1.12 -8.44 -42.11
CA SER A 137 -0.27 -8.27 -43.28
C SER A 137 -0.68 -7.06 -44.12
N LYS A 138 -1.93 -6.61 -43.97
CA LYS A 138 -2.34 -5.36 -44.60
C LYS A 138 -1.80 -4.17 -43.82
N SER A 139 -2.22 -4.01 -42.56
CA SER A 139 -1.84 -2.84 -41.77
C SER A 139 -2.14 -1.56 -42.52
N THR A 140 -1.12 -0.73 -42.72
CA THR A 140 -1.23 0.41 -43.61
C THR A 140 0.15 0.73 -44.16
N SER A 141 0.20 1.10 -45.44
CA SER A 141 1.49 1.26 -46.12
C SER A 141 2.37 2.29 -45.44
N GLY A 142 1.79 3.21 -44.68
CA GLY A 142 2.59 4.19 -43.95
C GLY A 142 1.97 4.58 -42.62
N GLY A 143 0.87 3.93 -42.25
CA GLY A 143 0.15 4.26 -41.05
C GLY A 143 0.63 3.55 -39.79
N THR A 144 -0.30 3.07 -38.99
CA THR A 144 0.00 2.42 -37.72
C THR A 144 -0.50 0.98 -37.75
N ALA A 145 0.26 0.08 -37.11
CA ALA A 145 -0.08 -1.33 -37.05
C ALA A 145 -0.18 -1.78 -35.59
N ALA A 146 -0.90 -2.86 -35.36
CA ALA A 146 -1.15 -3.39 -34.03
C ALA A 146 -0.66 -4.83 -33.93
N LEU A 147 -0.01 -5.14 -32.81
CA LEU A 147 0.47 -6.49 -32.53
C LEU A 147 0.45 -6.70 -31.02
N GLY A 148 0.56 -7.95 -30.62
CA GLY A 148 0.55 -8.25 -29.20
C GLY A 148 0.72 -9.72 -28.93
N CYS A 149 0.54 -10.08 -27.65
CA CYS A 149 0.67 -11.44 -27.17
C CYS A 149 -0.56 -11.83 -26.37
N LEU A 150 -1.05 -13.04 -26.60
CA LEU A 150 -2.18 -13.59 -25.87
C LEU A 150 -1.66 -14.53 -24.78
N VAL A 151 -1.99 -14.21 -23.53
CA VAL A 151 -1.59 -15.03 -22.37
C VAL A 151 -2.84 -15.76 -21.90
N LYS A 152 -2.84 -17.08 -22.04
CA LYS A 152 -4.06 -17.87 -21.87
C LYS A 152 -3.85 -18.99 -20.86
N ASP A 153 -4.89 -19.24 -20.05
CA ASP A 153 -5.00 -20.43 -19.21
C ASP A 153 -3.85 -20.52 -18.21
N TYR A 154 -3.92 -19.64 -17.20
CA TYR A 154 -2.97 -19.66 -16.09
C TYR A 154 -3.72 -19.49 -14.78
N PHE A 155 -3.04 -19.90 -13.69
CA PHE A 155 -3.57 -19.76 -12.34
C PHE A 155 -2.42 -19.97 -11.38
N PRO A 156 -2.30 -19.16 -10.33
CA PRO A 156 -3.16 -18.03 -9.98
C PRO A 156 -2.60 -16.70 -10.49
N GLU A 157 -3.17 -15.59 -10.03
CA GLU A 157 -2.63 -14.27 -10.34
C GLU A 157 -1.32 -14.06 -9.60
N PRO A 158 -0.45 -13.16 -10.11
CA PRO A 158 -0.58 -12.38 -11.34
C PRO A 158 0.45 -12.75 -12.41
N VAL A 159 0.44 -12.04 -13.53
CA VAL A 159 1.43 -12.21 -14.59
C VAL A 159 1.94 -10.83 -15.00
N THR A 160 3.25 -10.72 -15.17
CA THR A 160 3.87 -9.48 -15.60
C THR A 160 4.28 -9.60 -17.07
N VAL A 161 3.91 -8.61 -17.86
CA VAL A 161 4.15 -8.62 -19.30
C VAL A 161 4.92 -7.36 -19.66
N SER A 162 6.13 -7.53 -20.21
CA SER A 162 6.93 -6.42 -20.69
C SER A 162 7.30 -6.67 -22.15
N TRP A 163 7.65 -5.59 -22.84
CA TRP A 163 7.95 -5.64 -24.27
C TRP A 163 9.39 -5.21 -24.51
N ASN A 164 10.13 -6.05 -25.24
CA ASN A 164 11.54 -5.80 -25.57
C ASN A 164 12.37 -5.56 -24.31
N SER A 165 12.12 -6.37 -23.28
CA SER A 165 12.82 -6.27 -21.99
C SER A 165 12.67 -4.89 -21.36
N GLY A 166 11.57 -4.21 -21.64
CA GLY A 166 11.27 -2.93 -21.05
C GLY A 166 11.57 -1.73 -21.92
N ALA A 167 12.20 -1.92 -23.08
CA ALA A 167 12.54 -0.79 -23.93
C ALA A 167 11.29 -0.15 -24.52
N LEU A 168 10.32 -0.95 -24.91
CA LEU A 168 9.09 -0.45 -25.53
C LEU A 168 8.04 -0.24 -24.45
N THR A 169 7.57 0.99 -24.31
CA THR A 169 6.59 1.34 -23.28
C THR A 169 5.43 2.15 -23.85
N SER A 170 5.68 2.92 -24.89
CA SER A 170 4.63 3.77 -25.47
C SER A 170 3.70 2.97 -26.37
N GLY A 171 2.39 3.22 -26.22
CA GLY A 171 1.40 2.52 -27.00
C GLY A 171 1.03 1.14 -26.48
N VAL A 172 1.61 0.70 -25.37
CA VAL A 172 1.33 -0.62 -24.83
C VAL A 172 0.06 -0.59 -24.01
N HIS A 173 -0.77 -1.61 -24.18
CA HIS A 173 -2.02 -1.74 -23.43
C HIS A 173 -2.15 -3.19 -22.97
N THR A 174 -1.74 -3.47 -21.74
CA THR A 174 -1.88 -4.79 -21.14
C THR A 174 -3.22 -4.83 -20.42
N PHE A 175 -4.13 -5.66 -20.92
CA PHE A 175 -5.49 -5.69 -20.41
C PHE A 175 -5.56 -6.44 -19.07
N PRO A 176 -6.55 -6.12 -18.24
CA PRO A 176 -6.75 -6.90 -17.02
C PRO A 176 -7.12 -8.35 -17.35
N ALA A 177 -6.73 -9.25 -16.45
CA ALA A 177 -7.05 -10.66 -16.65
C ALA A 177 -8.54 -10.88 -16.55
N VAL A 178 -9.03 -11.84 -17.33
CA VAL A 178 -10.44 -12.24 -17.33
C VAL A 178 -10.54 -13.67 -16.84
N LEU A 179 -11.53 -13.94 -16.00
CA LEU A 179 -11.78 -15.27 -15.48
C LEU A 179 -12.52 -16.08 -16.53
N GLN A 180 -11.85 -17.08 -17.11
CA GLN A 180 -12.47 -17.89 -18.14
C GLN A 180 -13.43 -18.90 -17.52
N SER A 181 -14.31 -19.44 -18.37
CA SER A 181 -15.28 -20.43 -17.91
C SER A 181 -14.60 -21.69 -17.40
N SER A 182 -13.40 -21.98 -17.90
CA SER A 182 -12.63 -23.12 -17.41
C SER A 182 -12.04 -22.90 -16.02
N GLY A 183 -12.27 -21.74 -15.41
CA GLY A 183 -11.72 -21.42 -14.11
C GLY A 183 -10.37 -20.73 -14.15
N LEU A 184 -9.64 -20.86 -15.26
CA LEU A 184 -8.32 -20.27 -15.40
C LEU A 184 -8.43 -18.81 -15.86
N TYR A 185 -7.35 -18.07 -15.67
CA TYR A 185 -7.28 -16.69 -16.10
C TYR A 185 -6.74 -16.58 -17.52
N SER A 186 -7.01 -15.44 -18.15
CA SER A 186 -6.53 -15.19 -19.50
C SER A 186 -6.29 -13.69 -19.66
N LEU A 187 -5.24 -13.35 -20.39
CA LEU A 187 -4.80 -11.97 -20.55
C LEU A 187 -4.42 -11.72 -22.00
N SER A 188 -4.66 -10.49 -22.45
CA SER A 188 -4.19 -10.04 -23.75
C SER A 188 -3.42 -8.74 -23.57
N SER A 189 -2.27 -8.65 -24.24
CA SER A 189 -1.44 -7.45 -24.20
C SER A 189 -1.09 -7.06 -25.64
N VAL A 190 -1.26 -5.78 -25.96
CA VAL A 190 -1.07 -5.29 -27.32
C VAL A 190 -0.14 -4.08 -27.28
N VAL A 191 0.26 -3.64 -28.47
CA VAL A 191 1.12 -2.47 -28.64
C VAL A 191 0.99 -2.00 -30.08
N THR A 192 1.00 -0.68 -30.27
CA THR A 192 0.86 -0.07 -31.58
C THR A 192 2.21 0.47 -32.04
N VAL A 193 2.62 0.08 -33.25
CA VAL A 193 3.91 0.46 -33.82
C VAL A 193 3.71 0.87 -35.28
N PRO A 194 4.66 1.61 -35.84
CA PRO A 194 4.54 1.99 -37.25
C PRO A 194 4.75 0.79 -38.16
N SER A 195 4.13 0.85 -39.35
CA SER A 195 4.21 -0.28 -40.27
C SER A 195 5.62 -0.44 -40.83
N SER A 196 6.36 0.65 -41.00
CA SER A 196 7.70 0.59 -41.56
C SER A 196 8.71 -0.06 -40.63
N SER A 197 8.29 -0.55 -39.47
CA SER A 197 9.18 -1.15 -38.50
C SER A 197 8.95 -2.64 -38.31
N LEU A 198 8.02 -3.23 -39.05
CA LEU A 198 7.74 -4.66 -38.89
C LEU A 198 8.92 -5.51 -39.36
N GLY A 199 9.74 -5.00 -40.27
CA GLY A 199 10.90 -5.73 -40.72
C GLY A 199 12.19 -5.21 -40.12
N THR A 200 12.18 -3.95 -39.68
CA THR A 200 13.38 -3.31 -39.16
C THR A 200 13.50 -3.44 -37.65
N GLN A 201 12.37 -3.50 -36.93
CA GLN A 201 12.36 -3.56 -35.47
C GLN A 201 11.82 -4.90 -35.02
N THR A 202 12.53 -5.55 -34.10
CA THR A 202 12.11 -6.82 -33.55
C THR A 202 11.28 -6.59 -32.29
N TYR A 203 10.15 -7.26 -32.18
CA TYR A 203 9.24 -7.11 -31.06
C TYR A 203 9.11 -8.42 -30.31
N ILE A 204 9.35 -8.39 -29.00
CA ILE A 204 9.33 -9.57 -28.14
C ILE A 204 8.61 -9.20 -26.85
N CYS A 205 7.64 -10.03 -26.45
CA CYS A 205 6.93 -9.85 -25.19
C CYS A 205 7.50 -10.80 -24.15
N ASN A 206 7.79 -10.28 -22.96
CA ASN A 206 8.42 -11.03 -21.88
C ASN A 206 7.36 -11.29 -20.81
N VAL A 207 6.84 -12.51 -20.78
CA VAL A 207 5.81 -12.90 -19.83
C VAL A 207 6.46 -13.64 -18.66
N ASN A 208 6.03 -13.32 -17.45
CA ASN A 208 6.59 -13.94 -16.24
C ASN A 208 5.43 -14.31 -15.32
N HIS A 209 5.25 -15.61 -15.09
CA HIS A 209 4.27 -16.12 -14.14
C HIS A 209 5.06 -16.78 -13.01
N LYS A 210 5.35 -15.99 -11.97
CA LYS A 210 6.18 -16.48 -10.87
C LYS A 210 5.64 -17.69 -10.15
N PRO A 211 4.34 -17.82 -9.85
CA PRO A 211 3.88 -19.00 -9.08
C PRO A 211 4.20 -20.33 -9.73
N SER A 212 4.33 -20.39 -11.05
CA SER A 212 4.64 -21.64 -11.74
C SER A 212 6.01 -21.64 -12.37
N ASN A 213 6.84 -20.63 -12.08
CA ASN A 213 8.20 -20.52 -12.62
C ASN A 213 8.20 -20.57 -14.14
N THR A 214 7.28 -19.81 -14.75
CA THR A 214 7.11 -19.80 -16.20
C THR A 214 7.55 -18.45 -16.73
N LYS A 215 8.70 -18.43 -17.41
CA LYS A 215 9.21 -17.23 -18.07
C LYS A 215 9.34 -17.54 -19.56
N VAL A 216 8.55 -16.85 -20.38
CA VAL A 216 8.49 -17.10 -21.81
C VAL A 216 8.77 -15.81 -22.56
N ASP A 217 9.59 -15.91 -23.61
CA ASP A 217 9.84 -14.82 -24.53
C ASP A 217 9.40 -15.25 -25.92
N LYS A 218 8.45 -14.52 -26.50
CA LYS A 218 7.88 -14.85 -27.80
C LYS A 218 8.05 -13.67 -28.74
N LYS A 219 8.62 -13.93 -29.91
CA LYS A 219 8.76 -12.92 -30.95
C LYS A 219 7.49 -12.86 -31.78
N VAL A 220 6.98 -11.66 -31.99
CA VAL A 220 5.74 -11.44 -32.73
C VAL A 220 6.12 -10.99 -34.14
N GLU A 221 5.91 -11.89 -35.10
CA GLU A 221 6.22 -11.79 -36.52
C GLU A 221 4.94 -11.62 -37.33
N PRO A 222 5.00 -10.86 -38.43
CA PRO A 222 3.93 -10.96 -39.43
C PRO A 222 3.96 -12.34 -40.07
N LYS A 223 2.79 -12.93 -40.21
CA LYS A 223 2.71 -14.30 -40.70
C LYS A 223 3.16 -14.38 -42.16
N SER A 224 3.62 -15.57 -42.56
CA SER A 224 4.17 -15.76 -43.89
C SER A 224 3.12 -15.49 -44.96
N CYS A 225 3.50 -14.72 -45.98
CA CYS A 225 2.59 -14.34 -47.04
C CYS A 225 2.54 -15.42 -48.13
N ASP B 1 -14.20 0.65 16.76
CA ASP B 1 -13.33 1.24 15.75
C ASP B 1 -13.92 2.55 15.22
N ILE B 2 -13.22 3.17 14.28
CA ILE B 2 -13.66 4.40 13.63
C ILE B 2 -14.04 4.07 12.19
N VAL B 3 -15.29 4.36 11.84
CA VAL B 3 -15.79 4.17 10.48
C VAL B 3 -15.64 5.48 9.72
N MET B 4 -14.98 5.43 8.57
CA MET B 4 -14.75 6.60 7.73
C MET B 4 -15.55 6.48 6.45
N THR B 5 -16.56 7.32 6.30
CA THR B 5 -17.43 7.31 5.13
C THR B 5 -16.86 8.29 4.11
N GLN B 6 -16.16 7.77 3.11
CA GLN B 6 -15.61 8.60 2.06
C GLN B 6 -16.63 8.83 0.96
N SER B 7 -16.59 10.01 0.36
CA SER B 7 -17.55 10.40 -0.65
C SER B 7 -16.92 11.42 -1.58
N PRO B 8 -17.28 11.41 -2.87
CA PRO B 8 -18.21 10.49 -3.54
C PRO B 8 -17.54 9.19 -3.96
N ALA B 9 -18.31 8.15 -4.23
CA ALA B 9 -17.72 6.89 -4.67
C ALA B 9 -17.03 7.06 -6.02
N SER B 10 -17.65 7.80 -6.94
CA SER B 10 -17.06 8.12 -8.23
C SER B 10 -17.18 9.61 -8.47
N LEU B 11 -16.16 10.19 -9.11
CA LEU B 11 -16.09 11.63 -9.34
C LEU B 11 -15.63 11.86 -10.77
N ALA B 12 -16.52 12.40 -11.60
CA ALA B 12 -16.23 12.69 -13.00
C ALA B 12 -16.12 14.20 -13.17
N VAL B 13 -14.91 14.68 -13.46
CA VAL B 13 -14.66 16.09 -13.69
C VAL B 13 -14.03 16.25 -15.06
N SER B 14 -14.12 17.47 -15.59
CA SER B 14 -13.47 17.78 -16.86
C SER B 14 -12.04 18.25 -16.62
N LEU B 15 -11.27 18.30 -17.70
CA LEU B 15 -9.87 18.71 -17.58
C LEU B 15 -9.80 20.18 -17.19
N GLY B 16 -9.01 20.47 -16.17
CA GLY B 16 -8.91 21.82 -15.64
C GLY B 16 -10.02 22.23 -14.71
N GLN B 17 -11.00 21.36 -14.46
CA GLN B 17 -12.09 21.67 -13.54
C GLN B 17 -11.61 21.42 -12.11
N ARG B 18 -12.53 21.46 -11.15
CA ARG B 18 -12.20 21.27 -9.74
C ARG B 18 -12.69 19.92 -9.27
N ALA B 19 -11.82 19.18 -8.59
CA ALA B 19 -12.15 17.88 -8.01
C ALA B 19 -12.14 18.01 -6.49
N THR B 20 -13.26 17.68 -5.86
CA THR B 20 -13.41 17.77 -4.41
C THR B 20 -13.78 16.41 -3.85
N ILE B 21 -12.91 15.84 -3.03
CA ILE B 21 -13.11 14.55 -2.40
C ILE B 21 -13.31 14.77 -0.90
N SER B 22 -14.40 14.23 -0.37
CA SER B 22 -14.75 14.42 1.03
C SER B 22 -14.56 13.12 1.81
N CYS B 23 -14.24 13.26 3.09
CA CYS B 23 -14.07 12.12 3.98
C CYS B 23 -14.60 12.50 5.36
N ARG B 24 -15.53 11.70 5.87
CA ARG B 24 -16.16 11.94 7.17
C ARG B 24 -15.78 10.81 8.10
N ALA B 25 -15.38 11.17 9.32
CA ALA B 25 -15.02 10.20 10.36
C ALA B 25 -16.15 10.10 11.38
N SER B 26 -16.45 8.87 11.80
CA SER B 26 -17.49 8.66 12.80
C SER B 26 -17.10 9.15 14.19
N LYS B 27 -15.83 9.51 14.41
CA LYS B 27 -15.38 10.09 15.66
C LYS B 27 -14.41 11.22 15.36
N SER B 28 -14.26 12.13 16.34
CA SER B 28 -13.34 13.24 16.21
C SER B 28 -11.92 12.71 16.25
N VAL B 29 -11.20 12.82 15.14
CA VAL B 29 -9.86 12.26 15.05
C VAL B 29 -8.85 13.37 15.28
N SER B 30 -9.33 14.50 15.78
CA SER B 30 -8.51 15.64 16.10
C SER B 30 -8.31 15.72 17.61
N THR B 31 -7.05 15.78 18.03
CA THR B 31 -6.67 15.86 19.43
C THR B 31 -5.52 16.82 19.57
N SER B 32 -5.62 17.74 20.53
CA SER B 32 -4.64 18.83 20.70
C SER B 32 -4.60 19.61 19.38
N GLY B 33 -3.43 20.17 19.05
CA GLY B 33 -3.29 20.87 17.78
C GLY B 33 -2.85 19.95 16.66
N TYR B 34 -3.38 18.74 16.64
CA TYR B 34 -3.01 17.72 15.67
C TYR B 34 -4.25 17.16 15.00
N ASN B 35 -4.36 17.36 13.69
CA ASN B 35 -5.42 16.75 12.88
C ASN B 35 -4.82 15.50 12.24
N TYR B 36 -5.13 14.34 12.83
CA TYR B 36 -4.58 13.06 12.36
C TYR B 36 -5.39 12.59 11.17
N MET B 37 -4.99 13.04 9.98
CA MET B 37 -5.69 12.74 8.74
C MET B 37 -4.70 12.78 7.59
N HIS B 38 -4.83 11.82 6.68
CA HIS B 38 -3.87 11.68 5.59
C HIS B 38 -4.58 11.21 4.34
N TRP B 39 -4.07 11.64 3.19
CA TRP B 39 -4.64 11.31 1.89
C TRP B 39 -3.59 10.61 1.03
N TYR B 40 -4.04 9.60 0.27
CA TYR B 40 -3.17 8.84 -0.60
C TYR B 40 -3.78 8.74 -1.99
N GLN B 41 -2.91 8.63 -2.99
CA GLN B 41 -3.30 8.46 -4.38
C GLN B 41 -2.77 7.12 -4.88
N GLN B 42 -3.65 6.29 -5.41
CA GLN B 42 -3.26 4.98 -5.96
C GLN B 42 -3.59 4.97 -7.44
N LYS B 43 -2.57 5.16 -8.27
CA LYS B 43 -2.76 5.04 -9.71
C LYS B 43 -2.95 3.56 -10.07
N PRO B 44 -3.60 3.27 -11.20
CA PRO B 44 -3.93 1.88 -11.53
C PRO B 44 -2.68 1.02 -11.65
N GLY B 45 -2.71 -0.13 -10.96
CA GLY B 45 -1.59 -1.05 -11.00
C GLY B 45 -0.37 -0.58 -10.25
N GLN B 46 -0.51 0.35 -9.32
CA GLN B 46 0.61 0.89 -8.56
C GLN B 46 0.31 0.84 -7.07
N PRO B 47 1.35 0.81 -6.22
CA PRO B 47 1.11 0.99 -4.80
C PRO B 47 0.70 2.41 -4.49
N PRO B 48 -0.04 2.63 -3.40
CA PRO B 48 -0.48 3.99 -3.07
C PRO B 48 0.69 4.93 -2.83
N LYS B 49 0.48 6.20 -3.16
CA LYS B 49 1.46 7.25 -2.92
C LYS B 49 0.86 8.28 -1.97
N LEU B 50 1.70 8.85 -1.11
CA LEU B 50 1.26 9.82 -0.12
C LEU B 50 1.06 11.19 -0.75
N LEU B 51 -0.13 11.76 -0.58
CA LEU B 51 -0.42 13.11 -1.03
C LEU B 51 -0.37 14.12 0.11
N ILE B 52 -1.24 13.96 1.10
CA ILE B 52 -1.38 14.90 2.20
C ILE B 52 -1.22 14.15 3.51
N TYR B 53 -0.50 14.76 4.45
CA TYR B 53 -0.42 14.24 5.80
C TYR B 53 -0.79 15.34 6.79
N LEU B 54 -1.41 14.96 7.90
CA LEU B 54 -1.92 15.89 8.91
C LEU B 54 -2.96 16.86 8.32
N ALA B 55 -3.71 16.39 7.32
CA ALA B 55 -4.88 17.03 6.72
C ALA B 55 -4.62 18.31 5.93
N SER B 56 -3.38 18.79 5.86
CA SER B 56 -3.12 20.05 5.17
C SER B 56 -1.72 20.11 4.55
N ASN B 57 -0.81 19.24 4.98
CA ASN B 57 0.59 19.34 4.58
C ASN B 57 0.85 18.50 3.34
N LEU B 58 1.52 19.10 2.35
CA LEU B 58 1.91 18.37 1.15
C LEU B 58 3.21 17.61 1.40
N GLU B 59 3.24 16.35 0.97
CA GLU B 59 4.47 15.58 0.97
C GLU B 59 5.46 16.17 -0.04
N SER B 60 6.74 16.10 0.30
CA SER B 60 7.79 16.61 -0.57
C SER B 60 7.73 15.91 -1.92
N GLY B 61 7.47 16.69 -2.98
CA GLY B 61 7.35 16.18 -4.32
C GLY B 61 5.94 16.22 -4.88
N VAL B 62 4.94 16.26 -4.02
CA VAL B 62 3.55 16.35 -4.49
C VAL B 62 3.32 17.72 -5.11
N PRO B 63 2.76 17.82 -6.31
CA PRO B 63 2.54 19.13 -6.93
C PRO B 63 1.55 19.96 -6.13
N VAL B 64 1.73 21.28 -6.20
CA VAL B 64 0.94 22.21 -5.38
C VAL B 64 -0.53 22.22 -5.73
N ARG B 65 -0.93 21.54 -6.81
CA ARG B 65 -2.34 21.52 -7.19
C ARG B 65 -3.19 20.67 -6.27
N PHE B 66 -2.59 19.88 -5.38
CA PHE B 66 -3.32 19.15 -4.36
C PHE B 66 -3.34 19.97 -3.07
N SER B 67 -4.48 19.95 -2.38
CA SER B 67 -4.63 20.69 -1.15
C SER B 67 -5.47 19.88 -0.17
N GLY B 68 -5.30 20.18 1.11
CA GLY B 68 -6.05 19.51 2.16
C GLY B 68 -6.61 20.50 3.14
N SER B 69 -7.77 20.15 3.70
CA SER B 69 -8.43 20.96 4.70
C SER B 69 -9.30 20.07 5.57
N GLY B 70 -9.94 20.67 6.56
CA GLY B 70 -10.85 19.95 7.42
C GLY B 70 -10.32 19.86 8.86
N SER B 71 -11.26 19.70 9.79
CA SER B 71 -10.93 19.59 11.20
C SER B 71 -12.07 18.87 11.91
N GLY B 72 -11.73 18.07 12.91
CA GLY B 72 -12.73 17.35 13.68
C GLY B 72 -13.16 16.04 13.03
N THR B 73 -14.28 16.07 12.32
CA THR B 73 -14.82 14.88 11.66
C THR B 73 -14.98 15.00 10.16
N ASP B 74 -14.98 16.21 9.61
CA ASP B 74 -15.17 16.42 8.18
C ASP B 74 -13.91 17.03 7.57
N PHE B 75 -13.41 16.36 6.53
CA PHE B 75 -12.13 16.71 5.90
C PHE B 75 -12.33 16.66 4.39
N THR B 76 -11.51 17.42 3.67
CA THR B 76 -11.69 17.55 2.23
C THR B 76 -10.35 17.58 1.52
N LEU B 77 -10.25 16.83 0.42
CA LEU B 77 -9.10 16.86 -0.47
C LEU B 77 -9.52 17.52 -1.78
N ASN B 78 -8.70 18.45 -2.26
CA ASN B 78 -9.03 19.23 -3.44
C ASN B 78 -7.91 19.19 -4.46
N ILE B 79 -8.29 19.23 -5.74
CA ILE B 79 -7.37 19.36 -6.86
C ILE B 79 -7.86 20.56 -7.67
N HIS B 80 -7.13 21.68 -7.60
CA HIS B 80 -7.64 22.91 -8.23
C HIS B 80 -7.62 22.81 -9.75
N PRO B 81 -6.47 22.50 -10.40
CA PRO B 81 -6.55 22.08 -11.80
C PRO B 81 -6.37 20.58 -11.96
N VAL B 82 -7.37 19.90 -12.51
CA VAL B 82 -7.28 18.46 -12.71
C VAL B 82 -6.54 18.18 -14.00
N GLU B 83 -5.52 17.34 -13.94
CA GLU B 83 -4.68 17.04 -15.10
C GLU B 83 -4.94 15.61 -15.58
N GLU B 84 -4.36 15.31 -16.75
CA GLU B 84 -4.58 14.01 -17.37
C GLU B 84 -3.97 12.87 -16.57
N GLU B 85 -2.85 13.12 -15.89
CA GLU B 85 -2.19 12.10 -15.09
C GLU B 85 -2.83 11.89 -13.72
N ASP B 86 -3.84 12.68 -13.37
CA ASP B 86 -4.46 12.60 -12.05
C ASP B 86 -5.52 11.51 -11.95
N VAL B 87 -5.75 10.72 -13.00
CA VAL B 87 -6.74 9.66 -12.94
C VAL B 87 -6.20 8.54 -12.05
N ALA B 88 -6.86 8.32 -10.92
CA ALA B 88 -6.43 7.33 -9.93
C ALA B 88 -7.56 7.17 -8.91
N THR B 89 -7.28 6.44 -7.84
CA THR B 89 -8.20 6.27 -6.72
C THR B 89 -7.56 6.88 -5.48
N TYR B 90 -8.35 7.67 -4.75
CA TYR B 90 -7.86 8.42 -3.60
C TYR B 90 -8.49 7.89 -2.32
N TYR B 91 -7.67 7.66 -1.30
CA TYR B 91 -8.11 7.11 -0.03
C TYR B 91 -7.74 8.06 1.10
N CYS B 92 -8.62 8.16 2.09
CA CYS B 92 -8.33 8.87 3.33
C CYS B 92 -8.03 7.88 4.45
N GLN B 93 -7.24 8.32 5.42
CA GLN B 93 -6.81 7.46 6.52
C GLN B 93 -6.59 8.31 7.76
N HIS B 94 -6.98 7.77 8.91
CA HIS B 94 -6.85 8.47 10.18
C HIS B 94 -5.78 7.78 11.04
N SER B 95 -5.03 8.59 11.78
CA SER B 95 -4.01 8.09 12.70
C SER B 95 -4.38 8.35 14.15
N ARG B 96 -5.66 8.62 14.43
CA ARG B 96 -6.07 9.01 15.77
C ARG B 96 -5.91 7.85 16.75
N GLU B 97 -6.54 6.71 16.46
CA GLU B 97 -6.53 5.57 17.37
C GLU B 97 -6.29 4.29 16.59
N LEU B 98 -5.93 3.24 17.33
CA LEU B 98 -5.79 1.95 16.69
C LEU B 98 -7.12 1.20 16.71
N PRO B 99 -7.43 0.45 15.65
CA PRO B 99 -6.65 0.27 14.43
C PRO B 99 -6.88 1.39 13.42
N PHE B 100 -5.91 1.64 12.55
CA PHE B 100 -6.09 2.61 11.48
C PHE B 100 -7.10 2.07 10.47
N THR B 101 -8.02 2.92 10.05
CA THR B 101 -9.00 2.56 9.05
C THR B 101 -8.94 3.51 7.87
N PHE B 102 -9.34 3.02 6.70
CA PHE B 102 -9.33 3.78 5.47
C PHE B 102 -10.75 4.00 4.97
N GLY B 103 -10.91 4.98 4.10
CA GLY B 103 -12.16 5.15 3.40
C GLY B 103 -12.34 4.12 2.30
N SER B 104 -13.59 3.96 1.86
CA SER B 104 -13.88 3.01 0.80
C SER B 104 -13.18 3.36 -0.51
N GLY B 105 -12.79 4.61 -0.69
CA GLY B 105 -12.05 5.02 -1.86
C GLY B 105 -12.90 5.85 -2.80
N THR B 106 -12.24 6.79 -3.48
CA THR B 106 -12.88 7.64 -4.48
C THR B 106 -12.11 7.51 -5.79
N LYS B 107 -12.80 7.06 -6.83
CA LYS B 107 -12.18 6.87 -8.15
C LYS B 107 -12.41 8.12 -8.98
N LEU B 108 -11.32 8.74 -9.43
CA LEU B 108 -11.38 9.97 -10.21
C LEU B 108 -11.14 9.64 -11.67
N GLU B 109 -12.17 9.81 -12.49
CA GLU B 109 -12.07 9.68 -13.93
C GLU B 109 -12.43 11.02 -14.56
N ILE B 110 -11.63 11.45 -15.54
CA ILE B 110 -11.76 12.79 -16.10
C ILE B 110 -12.55 12.73 -17.39
N LYS B 111 -13.43 13.70 -17.59
CA LYS B 111 -14.29 13.74 -18.77
C LYS B 111 -13.48 14.15 -20.00
N ARG B 112 -13.96 13.72 -21.16
CA ARG B 112 -13.20 13.84 -22.40
C ARG B 112 -14.18 13.88 -23.56
N THR B 113 -13.76 14.47 -24.68
CA THR B 113 -14.60 14.47 -25.86
C THR B 113 -14.67 13.07 -26.46
N VAL B 114 -15.62 12.90 -27.39
CA VAL B 114 -15.78 11.59 -28.05
C VAL B 114 -14.54 11.28 -28.86
N ALA B 115 -14.09 10.04 -28.79
CA ALA B 115 -12.95 9.57 -29.56
C ALA B 115 -13.31 8.23 -30.18
N ALA B 116 -13.26 8.16 -31.50
CA ALA B 116 -13.57 6.92 -32.19
C ALA B 116 -12.41 5.94 -32.07
N PRO B 117 -12.68 4.64 -31.94
CA PRO B 117 -11.60 3.66 -31.80
C PRO B 117 -11.07 3.15 -33.13
N SER B 118 -9.78 2.86 -33.12
CA SER B 118 -9.14 2.16 -34.23
C SER B 118 -9.21 0.67 -33.95
N VAL B 119 -9.81 -0.09 -34.88
CA VAL B 119 -10.15 -1.49 -34.65
C VAL B 119 -9.15 -2.38 -35.38
N PHE B 120 -8.77 -3.47 -34.72
CA PHE B 120 -7.89 -4.47 -35.31
C PHE B 120 -8.42 -5.86 -34.95
N ILE B 121 -8.12 -6.84 -35.78
CA ILE B 121 -8.54 -8.21 -35.55
C ILE B 121 -7.36 -9.15 -35.81
N PHE B 122 -7.22 -10.16 -34.97
CA PHE B 122 -6.09 -11.07 -35.01
C PHE B 122 -6.58 -12.50 -35.14
N PRO B 123 -6.20 -13.23 -36.19
CA PRO B 123 -6.55 -14.65 -36.28
C PRO B 123 -5.77 -15.44 -35.25
N PRO B 124 -6.25 -16.62 -34.87
CA PRO B 124 -5.52 -17.41 -33.87
C PRO B 124 -4.18 -17.87 -34.41
N SER B 125 -3.20 -17.92 -33.51
CA SER B 125 -1.86 -18.36 -33.88
C SER B 125 -1.87 -19.86 -34.17
N ASP B 126 -1.23 -20.26 -35.28
CA ASP B 126 -1.20 -21.67 -35.65
C ASP B 126 -0.62 -22.54 -34.54
N GLU B 127 0.23 -21.95 -33.69
CA GLU B 127 0.74 -22.66 -32.52
C GLU B 127 -0.37 -23.01 -31.55
N GLN B 128 -1.40 -22.17 -31.47
CA GLN B 128 -2.54 -22.46 -30.61
C GLN B 128 -3.43 -23.55 -31.20
N LEU B 129 -3.51 -23.62 -32.53
CA LEU B 129 -4.37 -24.62 -33.17
C LEU B 129 -3.94 -26.03 -32.83
N LYS B 130 -2.64 -26.26 -32.65
CA LYS B 130 -2.18 -27.60 -32.27
C LYS B 130 -2.67 -28.00 -30.88
N SER B 131 -3.06 -27.03 -30.04
CA SER B 131 -3.56 -27.33 -28.71
C SER B 131 -5.03 -27.72 -28.70
N GLY B 132 -5.76 -27.48 -29.79
CA GLY B 132 -7.14 -27.88 -29.91
C GLY B 132 -8.15 -26.76 -29.77
N THR B 133 -7.71 -25.55 -29.46
CA THR B 133 -8.58 -24.39 -29.29
C THR B 133 -8.04 -23.24 -30.13
N ALA B 134 -8.96 -22.43 -30.67
CA ALA B 134 -8.62 -21.23 -31.40
C ALA B 134 -9.20 -20.01 -30.68
N SER B 135 -8.41 -18.95 -30.61
CA SER B 135 -8.83 -17.69 -29.99
C SER B 135 -8.68 -16.57 -30.99
N VAL B 136 -9.77 -15.85 -31.27
CA VAL B 136 -9.78 -14.70 -32.15
C VAL B 136 -9.94 -13.45 -31.29
N VAL B 137 -9.08 -12.47 -31.53
CA VAL B 137 -9.02 -11.27 -30.70
C VAL B 137 -9.35 -10.06 -31.57
N CYS B 138 -10.25 -9.22 -31.08
CA CYS B 138 -10.59 -7.95 -31.72
C CYS B 138 -10.24 -6.82 -30.75
N LEU B 139 -9.47 -5.85 -31.23
CA LEU B 139 -8.91 -4.79 -30.38
C LEU B 139 -9.54 -3.45 -30.73
N LEU B 140 -10.04 -2.76 -29.71
CA LEU B 140 -10.52 -1.39 -29.83
C LEU B 140 -9.54 -0.50 -29.08
N ASN B 141 -9.00 0.50 -29.76
CA ASN B 141 -7.85 1.25 -29.26
C ASN B 141 -8.18 2.74 -29.13
N ASN B 142 -7.93 3.30 -27.94
CA ASN B 142 -7.94 4.73 -27.68
C ASN B 142 -9.28 5.36 -28.10
N PHE B 143 -10.29 5.12 -27.26
CA PHE B 143 -11.63 5.61 -27.52
C PHE B 143 -12.26 6.11 -26.22
N TYR B 144 -13.24 7.01 -26.38
CA TYR B 144 -14.03 7.56 -25.30
C TYR B 144 -15.42 7.79 -25.88
N PRO B 145 -16.49 7.47 -25.15
CA PRO B 145 -16.54 6.92 -23.78
C PRO B 145 -16.18 5.44 -23.68
N ARG B 146 -16.21 4.91 -22.46
CA ARG B 146 -15.86 3.50 -22.24
C ARG B 146 -16.88 2.57 -22.87
N GLU B 147 -18.14 2.97 -22.91
CA GLU B 147 -19.21 2.10 -23.39
C GLU B 147 -19.03 1.82 -24.88
N ALA B 148 -18.85 0.55 -25.22
CA ALA B 148 -18.70 0.12 -26.60
C ALA B 148 -19.46 -1.19 -26.81
N LYS B 149 -19.84 -1.43 -28.06
CA LYS B 149 -20.58 -2.62 -28.46
C LYS B 149 -19.78 -3.38 -29.50
N VAL B 150 -19.33 -4.58 -29.14
CA VAL B 150 -18.56 -5.43 -30.03
C VAL B 150 -19.36 -6.68 -30.32
N GLN B 151 -19.64 -6.93 -31.60
CA GLN B 151 -20.37 -8.10 -32.04
C GLN B 151 -19.48 -8.96 -32.93
N TRP B 152 -19.55 -10.27 -32.75
CA TRP B 152 -18.78 -11.21 -33.56
C TRP B 152 -19.65 -11.80 -34.66
N LYS B 153 -19.07 -11.94 -35.85
CA LYS B 153 -19.75 -12.51 -37.00
C LYS B 153 -18.87 -13.60 -37.60
N VAL B 154 -19.40 -14.82 -37.68
CA VAL B 154 -18.69 -15.96 -38.23
C VAL B 154 -19.52 -16.50 -39.39
N ASP B 155 -19.05 -16.29 -40.62
CA ASP B 155 -19.81 -16.61 -41.82
C ASP B 155 -21.22 -16.00 -41.75
N ASN B 156 -21.26 -14.72 -41.41
CA ASN B 156 -22.47 -13.90 -41.28
C ASN B 156 -23.29 -14.27 -40.03
N ALA B 157 -22.90 -15.32 -39.31
CA ALA B 157 -23.61 -15.74 -38.11
C ALA B 157 -23.13 -14.94 -36.90
N LEU B 158 -24.09 -14.34 -36.19
CA LEU B 158 -23.77 -13.54 -35.02
C LEU B 158 -23.53 -14.47 -33.82
N GLN B 159 -22.32 -14.42 -33.27
CA GLN B 159 -21.98 -15.29 -32.15
C GLN B 159 -22.59 -14.76 -30.85
N SER B 160 -22.59 -15.62 -29.84
CA SER B 160 -23.18 -15.29 -28.55
C SER B 160 -22.67 -16.26 -27.50
N GLY B 161 -22.14 -15.71 -26.40
CA GLY B 161 -21.72 -16.51 -25.27
C GLY B 161 -20.30 -17.02 -25.31
N ASN B 162 -19.61 -16.90 -26.45
CA ASN B 162 -18.25 -17.37 -26.58
C ASN B 162 -17.25 -16.21 -26.71
N SER B 163 -17.60 -15.05 -26.14
CA SER B 163 -16.76 -13.87 -26.23
C SER B 163 -16.63 -13.23 -24.85
N GLN B 164 -15.40 -12.84 -24.51
CA GLN B 164 -15.11 -12.12 -23.27
C GLN B 164 -14.43 -10.81 -23.59
N GLU B 165 -14.77 -9.78 -22.83
CA GLU B 165 -14.24 -8.44 -23.04
C GLU B 165 -13.39 -8.01 -21.85
N SER B 166 -12.32 -7.27 -22.14
CA SER B 166 -11.46 -6.69 -21.12
C SER B 166 -11.20 -5.22 -21.48
N VAL B 167 -11.28 -4.36 -20.47
CA VAL B 167 -11.15 -2.92 -20.67
C VAL B 167 -10.02 -2.41 -19.78
N THR B 168 -9.13 -1.61 -20.36
CA THR B 168 -8.05 -0.99 -19.60
C THR B 168 -8.58 0.19 -18.78
N GLU B 169 -7.76 0.63 -17.84
CA GLU B 169 -8.08 1.85 -17.11
C GLU B 169 -7.86 3.07 -18.00
N GLN B 170 -8.39 4.21 -17.54
CA GLN B 170 -8.28 5.43 -18.31
C GLN B 170 -6.82 5.83 -18.44
N ASP B 171 -6.41 6.17 -19.66
CA ASP B 171 -5.03 6.49 -19.93
C ASP B 171 -4.63 7.79 -19.24
N SER B 172 -3.42 7.82 -18.69
CA SER B 172 -2.92 8.99 -17.98
C SER B 172 -2.54 10.14 -18.91
N LYS B 173 -2.61 9.95 -20.22
CA LYS B 173 -2.22 10.99 -21.17
C LYS B 173 -3.39 11.43 -22.05
N ASP B 174 -4.02 10.51 -22.78
CA ASP B 174 -5.11 10.88 -23.68
C ASP B 174 -6.49 10.73 -23.05
N SER B 175 -6.58 10.11 -21.87
CA SER B 175 -7.85 9.95 -21.15
C SER B 175 -8.83 9.06 -21.90
N THR B 176 -8.32 8.10 -22.67
CA THR B 176 -9.14 7.15 -23.39
C THR B 176 -8.94 5.75 -22.82
N TYR B 177 -9.81 4.84 -23.22
CA TYR B 177 -9.76 3.44 -22.82
C TYR B 177 -9.36 2.58 -24.01
N SER B 178 -9.21 1.28 -23.76
CA SER B 178 -8.94 0.31 -24.80
C SER B 178 -9.62 -0.99 -24.43
N LEU B 179 -10.21 -1.65 -25.42
CA LEU B 179 -11.02 -2.85 -25.20
C LEU B 179 -10.50 -3.99 -26.06
N SER B 180 -10.56 -5.20 -25.50
CA SER B 180 -10.17 -6.42 -26.21
C SER B 180 -11.29 -7.44 -26.08
N SER B 181 -11.85 -7.86 -27.20
CA SER B 181 -12.87 -8.90 -27.24
C SER B 181 -12.24 -10.18 -27.76
N THR B 182 -12.34 -11.25 -26.99
CA THR B 182 -11.71 -12.53 -27.32
C THR B 182 -12.79 -13.56 -27.61
N LEU B 183 -12.77 -14.09 -28.83
CA LEU B 183 -13.70 -15.12 -29.26
C LEU B 183 -13.01 -16.48 -29.16
N THR B 184 -13.49 -17.33 -28.25
CA THR B 184 -12.91 -18.64 -28.01
C THR B 184 -13.76 -19.72 -28.64
N LEU B 185 -13.13 -20.61 -29.41
CA LEU B 185 -13.83 -21.67 -30.10
C LEU B 185 -12.83 -22.78 -30.43
N SER B 186 -13.36 -23.99 -30.61
CA SER B 186 -12.51 -25.15 -30.82
C SER B 186 -11.92 -25.17 -32.23
N LYS B 187 -10.80 -25.88 -32.38
CA LYS B 187 -10.14 -25.95 -33.69
C LYS B 187 -11.03 -26.60 -34.72
N ALA B 188 -11.75 -27.66 -34.35
CA ALA B 188 -12.67 -28.30 -35.27
C ALA B 188 -13.77 -27.33 -35.70
N ASP B 189 -14.38 -26.64 -34.74
CA ASP B 189 -15.39 -25.65 -35.06
C ASP B 189 -14.79 -24.41 -35.73
N TYR B 190 -13.49 -24.18 -35.56
CA TYR B 190 -12.86 -23.02 -36.17
C TYR B 190 -12.76 -23.17 -37.68
N GLU B 191 -12.50 -24.38 -38.17
CA GLU B 191 -12.25 -24.57 -39.59
C GLU B 191 -13.49 -24.98 -40.37
N LYS B 192 -14.65 -25.08 -39.73
CA LYS B 192 -15.89 -25.27 -40.48
C LYS B 192 -16.33 -24.02 -41.21
N HIS B 193 -15.76 -22.86 -40.88
CA HIS B 193 -16.17 -21.58 -41.44
C HIS B 193 -14.94 -20.84 -41.96
N LYS B 194 -15.19 -19.78 -42.72
CA LYS B 194 -14.13 -19.06 -43.43
C LYS B 194 -14.00 -17.61 -42.99
N VAL B 195 -15.10 -16.86 -43.00
CA VAL B 195 -15.06 -15.43 -42.71
C VAL B 195 -15.23 -15.21 -41.21
N TYR B 196 -14.36 -14.39 -40.63
CA TYR B 196 -14.43 -14.01 -39.21
C TYR B 196 -14.40 -12.49 -39.11
N ALA B 197 -15.54 -11.90 -38.79
CA ALA B 197 -15.69 -10.45 -38.74
C ALA B 197 -15.83 -9.98 -37.30
N CYS B 198 -15.63 -8.68 -37.11
CA CYS B 198 -15.76 -8.02 -35.80
C CYS B 198 -16.44 -6.67 -36.04
N GLU B 199 -17.72 -6.58 -35.71
CA GLU B 199 -18.48 -5.35 -35.91
C GLU B 199 -18.47 -4.53 -34.63
N VAL B 200 -18.02 -3.28 -34.74
CA VAL B 200 -17.86 -2.39 -33.58
C VAL B 200 -18.84 -1.24 -33.73
N THR B 201 -19.61 -0.97 -32.67
CA THR B 201 -20.52 0.15 -32.60
C THR B 201 -20.08 1.09 -31.48
N HIS B 202 -19.99 2.38 -31.79
CA HIS B 202 -19.51 3.35 -30.82
C HIS B 202 -20.16 4.70 -31.09
N GLN B 203 -20.12 5.57 -30.07
CA GLN B 203 -20.65 6.92 -30.22
C GLN B 203 -19.83 7.73 -31.22
N GLY B 204 -18.52 7.48 -31.31
CA GLY B 204 -17.65 8.17 -32.23
C GLY B 204 -17.72 7.70 -33.67
N LEU B 205 -18.57 6.72 -33.96
CA LEU B 205 -18.73 6.19 -35.30
C LEU B 205 -20.16 6.45 -35.76
N SER B 206 -20.31 7.14 -36.90
CA SER B 206 -21.64 7.35 -37.46
C SER B 206 -22.25 6.03 -37.90
N SER B 207 -21.44 5.13 -38.44
CA SER B 207 -21.84 3.80 -38.84
C SER B 207 -20.88 2.79 -38.24
N PRO B 208 -21.36 1.58 -37.93
CA PRO B 208 -20.48 0.56 -37.34
C PRO B 208 -19.32 0.22 -38.26
N VAL B 209 -18.19 -0.12 -37.64
CA VAL B 209 -16.95 -0.47 -38.34
C VAL B 209 -16.70 -1.96 -38.16
N THR B 210 -16.49 -2.67 -39.26
CA THR B 210 -16.28 -4.11 -39.25
C THR B 210 -14.89 -4.44 -39.76
N LYS B 211 -14.15 -5.23 -38.99
CA LYS B 211 -12.83 -5.73 -39.37
C LYS B 211 -12.91 -7.24 -39.46
N SER B 212 -12.59 -7.79 -40.64
CA SER B 212 -12.77 -9.21 -40.90
C SER B 212 -11.54 -9.79 -41.57
N PHE B 213 -11.44 -11.12 -41.51
CA PHE B 213 -10.41 -11.86 -42.22
C PHE B 213 -11.00 -13.19 -42.67
N ASN B 214 -10.35 -13.80 -43.66
CA ASN B 214 -10.75 -15.08 -44.20
C ASN B 214 -9.76 -16.15 -43.76
N ARG B 215 -10.27 -17.27 -43.27
CA ARG B 215 -9.42 -18.33 -42.74
C ARG B 215 -8.55 -18.92 -43.84
N GLY B 216 -7.23 -18.76 -43.70
CA GLY B 216 -6.27 -19.32 -44.61
C GLY B 216 -5.54 -18.30 -45.47
N GLU B 217 -6.10 -17.10 -45.62
CA GLU B 217 -5.53 -16.07 -46.46
C GLU B 217 -4.75 -15.07 -45.62
N CYS B 218 -3.54 -14.74 -46.05
CA CYS B 218 -2.70 -13.78 -45.35
C CYS B 218 -2.02 -12.82 -46.34
N VAL C 1 3.10 19.17 46.62
CA VAL C 1 3.19 18.37 45.40
C VAL C 1 3.14 16.88 45.73
N THR C 2 2.03 16.25 45.37
CA THR C 2 1.88 14.82 45.58
C THR C 2 2.32 14.09 44.31
N GLN C 3 2.12 12.76 44.29
CA GLN C 3 2.49 11.98 43.11
C GLN C 3 1.69 12.42 41.89
N GLU C 4 0.43 12.79 42.09
CA GLU C 4 -0.43 13.13 40.96
C GLU C 4 -0.02 14.46 40.33
N ASP C 5 0.42 15.41 41.14
CA ASP C 5 0.99 16.63 40.60
C ASP C 5 2.25 16.35 39.81
N ILE C 6 3.13 15.50 40.34
CA ILE C 6 4.41 15.20 39.69
C ILE C 6 4.16 14.49 38.36
N ILE C 7 3.22 13.56 38.34
CA ILE C 7 2.94 12.80 37.12
C ILE C 7 2.35 13.70 36.04
N ARG C 8 1.33 14.49 36.40
CA ARG C 8 0.67 15.33 35.40
C ARG C 8 1.59 16.44 34.90
N ALA C 9 2.51 16.92 35.75
CA ALA C 9 3.47 17.92 35.29
C ALA C 9 4.52 17.30 34.38
N LEU C 10 4.84 16.01 34.58
CA LEU C 10 5.80 15.34 33.71
C LEU C 10 5.16 14.80 32.44
N ALA C 11 3.87 14.48 32.48
CA ALA C 11 3.18 14.02 31.29
C ALA C 11 2.77 15.16 30.38
N SER C 12 2.74 16.39 30.89
CA SER C 12 2.27 17.52 30.09
C SER C 12 3.10 17.77 28.85
N PRO C 13 4.44 17.78 28.89
CA PRO C 13 5.19 17.94 27.63
C PRO C 13 5.00 16.77 26.66
N LEU C 14 4.69 15.58 27.17
CA LEU C 14 4.44 14.45 26.29
C LEU C 14 3.15 14.64 25.50
N ILE C 15 2.09 15.11 26.17
CA ILE C 15 0.80 15.26 25.49
C ILE C 15 0.84 16.41 24.49
N LYS C 16 1.59 17.46 24.79
CA LYS C 16 1.69 18.59 23.87
C LYS C 16 2.48 18.22 22.61
N ASP C 17 3.48 17.36 22.74
CA ASP C 17 4.27 16.92 21.59
C ASP C 17 3.60 15.80 20.81
N GLY C 18 2.38 15.42 21.17
CA GLY C 18 1.64 14.41 20.42
C GLY C 18 2.26 13.04 20.47
N MET C 19 2.66 12.59 21.66
CA MET C 19 3.22 11.25 21.82
C MET C 19 2.43 10.36 22.76
N VAL C 20 1.44 10.91 23.47
CA VAL C 20 0.52 10.14 24.30
C VAL C 20 -0.86 10.75 24.18
N ASP C 21 -1.87 9.97 24.55
CA ASP C 21 -3.25 10.45 24.46
C ASP C 21 -3.48 11.57 25.48
N GLU C 22 -4.65 12.19 25.36
CA GLU C 22 -5.00 13.30 26.25
C GLU C 22 -5.08 12.84 27.71
N ASP C 23 -5.74 11.71 27.95
CA ASP C 23 -5.86 11.17 29.30
C ASP C 23 -4.74 10.20 29.63
N PHE C 24 -3.49 10.60 29.35
CA PHE C 24 -2.36 9.69 29.55
C PHE C 24 -1.94 9.64 31.02
N ALA C 25 -1.80 10.80 31.66
CA ALA C 25 -1.38 10.83 33.06
C ALA C 25 -2.36 10.09 33.95
N GLU C 26 -3.65 10.17 33.61
CA GLU C 26 -4.68 9.51 34.39
C GLU C 26 -4.59 8.00 34.28
N TYR C 27 -4.07 7.49 33.16
CA TYR C 27 -3.80 6.07 33.03
C TYR C 27 -2.62 5.65 33.89
N VAL C 28 -1.52 6.43 33.87
CA VAL C 28 -0.33 6.02 34.62
C VAL C 28 -0.56 6.21 36.12
N ILE C 29 -1.43 7.14 36.51
CA ILE C 29 -1.82 7.25 37.92
C ILE C 29 -2.63 6.03 38.33
N ALA C 30 -3.50 5.56 37.43
CA ALA C 30 -4.30 4.37 37.72
C ALA C 30 -3.42 3.15 37.93
N ARG C 31 -2.37 3.01 37.11
CA ARG C 31 -1.44 1.90 37.29
C ARG C 31 -0.45 2.15 38.43
N GLU C 32 -0.20 3.42 38.77
CA GLU C 32 0.68 3.71 39.91
C GLU C 32 0.06 3.25 41.22
N ASN C 33 -1.27 3.33 41.34
CA ASN C 33 -1.97 2.89 42.54
C ASN C 33 -2.31 1.40 42.51
N ARG C 34 -1.94 0.69 41.44
CA ARG C 34 -2.12 -0.75 41.33
C ARG C 34 -0.80 -1.50 41.47
N SER C 35 0.20 -1.13 40.68
CA SER C 35 1.55 -1.67 40.78
C SER C 35 2.52 -0.50 40.85
N PRO C 36 2.69 0.11 42.03
CA PRO C 36 3.62 1.23 42.16
C PRO C 36 5.03 0.87 41.76
N THR C 37 5.87 1.91 41.66
CA THR C 37 7.21 1.78 41.09
C THR C 37 8.25 2.53 41.91
N GLY C 38 8.06 2.62 43.21
CA GLY C 38 9.05 3.27 44.06
C GLY C 38 10.30 2.44 44.17
N LEU C 39 11.45 3.01 43.80
CA LEU C 39 12.73 2.31 43.81
C LEU C 39 13.70 3.07 44.71
N GLN C 40 14.20 2.40 45.74
CA GLN C 40 15.27 2.96 46.56
C GLN C 40 16.59 2.74 45.81
N ALA C 41 16.80 3.58 44.79
CA ALA C 41 18.08 3.59 44.10
C ALA C 41 19.18 3.76 45.12
N LYS C 42 20.21 2.92 45.01
CA LYS C 42 21.17 2.67 46.08
C LYS C 42 21.55 3.94 46.86
N GLY C 43 21.60 5.08 46.16
CA GLY C 43 21.83 6.34 46.85
C GLY C 43 20.60 7.22 46.90
N VAL C 44 20.00 7.47 45.75
CA VAL C 44 18.95 8.47 45.63
C VAL C 44 17.58 7.79 45.57
N GLY C 45 16.52 8.60 45.56
CA GLY C 45 15.18 8.10 45.40
C GLY C 45 14.73 8.20 43.95
N VAL C 46 14.28 7.08 43.40
CA VAL C 46 13.93 6.98 42.00
C VAL C 46 12.57 6.30 41.86
N ALA C 47 11.72 6.88 41.00
CA ALA C 47 10.42 6.30 40.67
C ALA C 47 10.27 6.27 39.16
N ILE C 48 9.66 5.20 38.65
CA ILE C 48 9.51 5.00 37.21
C ILE C 48 8.05 4.75 36.85
N PRO C 49 7.21 5.78 36.81
CA PRO C 49 5.80 5.58 36.43
C PRO C 49 5.68 5.39 34.92
N HIS C 50 5.07 4.26 34.52
CA HIS C 50 4.86 3.96 33.12
C HIS C 50 3.46 3.36 32.97
N THR C 51 3.14 2.88 31.77
CA THR C 51 1.79 2.46 31.46
C THR C 51 1.83 1.33 30.43
N LEU C 52 0.63 0.91 30.01
CA LEU C 52 0.45 -0.18 29.06
C LEU C 52 1.04 0.17 27.70
N GLY C 53 0.37 1.05 26.94
CA GLY C 53 0.98 1.59 25.75
C GLY C 53 0.17 1.58 24.48
N ASP C 54 -1.11 1.23 24.55
CA ASP C 54 -1.94 1.33 23.35
C ASP C 54 -2.31 2.77 23.04
N TYR C 55 -2.45 3.60 24.08
CA TYR C 55 -2.66 5.03 23.95
C TYR C 55 -1.35 5.80 23.79
N VAL C 56 -0.22 5.10 23.72
CA VAL C 56 1.07 5.73 23.52
C VAL C 56 1.36 5.78 22.02
N ARG C 57 1.58 6.97 21.49
CA ARG C 57 1.84 7.14 20.07
C ARG C 57 3.30 6.95 19.70
N ASP C 58 4.22 7.12 20.66
CA ASP C 58 5.63 6.94 20.40
C ASP C 58 6.36 6.79 21.73
N ASN C 59 7.46 6.05 21.71
CA ASN C 59 8.24 5.83 22.92
C ASN C 59 8.96 7.12 23.32
N ALA C 60 8.82 7.50 24.59
CA ALA C 60 9.44 8.72 25.09
C ALA C 60 9.73 8.57 26.58
N ILE C 61 10.65 9.41 27.06
CA ILE C 61 11.01 9.47 28.48
C ILE C 61 10.91 10.92 28.94
N SER C 62 10.27 11.13 30.09
CA SER C 62 10.15 12.45 30.69
C SER C 62 10.78 12.40 32.07
N VAL C 63 11.81 13.23 32.27
CA VAL C 63 12.62 13.21 33.49
C VAL C 63 12.22 14.36 34.39
N GLY C 64 12.08 14.08 35.68
CA GLY C 64 11.75 15.10 36.65
C GLY C 64 12.62 15.04 37.89
N ILE C 65 13.25 16.17 38.23
CA ILE C 65 14.12 16.27 39.40
C ILE C 65 13.32 16.88 40.54
N LEU C 66 13.39 16.27 41.72
CA LEU C 66 12.67 16.73 42.90
C LEU C 66 13.70 17.25 43.91
N ASP C 67 13.80 18.58 44.02
CA ASP C 67 14.65 19.16 45.05
C ASP C 67 14.15 18.79 46.45
N LYS C 68 12.83 18.80 46.64
CA LYS C 68 12.24 18.30 47.86
C LYS C 68 11.67 16.91 47.59
N PRO C 69 12.20 15.86 48.21
CA PRO C 69 11.76 14.50 47.87
C PRO C 69 10.29 14.28 48.22
N VAL C 70 9.63 13.45 47.40
CA VAL C 70 8.21 13.14 47.55
C VAL C 70 8.07 11.64 47.77
N ASN C 71 7.18 11.26 48.70
CA ASN C 71 6.98 9.86 49.02
C ASN C 71 6.27 9.14 47.87
N PHE C 72 6.88 8.05 47.38
CA PHE C 72 6.27 7.16 46.42
C PHE C 72 6.19 5.76 47.01
N SER C 73 5.08 5.06 46.73
CA SER C 73 4.97 3.67 47.13
C SER C 73 5.87 2.81 46.25
N GLY C 74 6.51 1.82 46.88
CA GLY C 74 7.39 0.89 46.18
C GLY C 74 6.72 -0.47 46.04
N TRP C 75 6.98 -1.13 44.91
CA TRP C 75 6.39 -2.44 44.68
C TRP C 75 7.00 -3.51 45.56
N TYR C 76 8.22 -3.29 46.05
CA TYR C 76 8.90 -4.29 46.87
C TYR C 76 8.26 -4.40 48.26
N GLN C 77 6.95 -4.64 48.30
CA GLN C 77 6.17 -4.76 49.56
C GLN C 77 6.53 -3.55 50.44
N SER C 78 6.81 -3.75 51.72
CA SER C 78 7.32 -2.73 52.63
C SER C 78 6.45 -1.47 52.60
N PRO C 79 5.35 -1.44 53.35
CA PRO C 79 4.52 -0.23 53.39
C PRO C 79 5.23 0.95 54.02
N ASP C 80 6.49 1.17 53.61
CA ASP C 80 7.27 2.34 53.99
C ASP C 80 7.57 3.10 52.71
N PRO C 81 6.90 4.23 52.47
CA PRO C 81 7.13 4.98 51.23
C PRO C 81 8.60 5.34 51.02
N VAL C 82 8.92 5.61 49.77
CA VAL C 82 10.28 5.89 49.33
C VAL C 82 10.45 7.40 49.21
N PRO C 83 11.54 7.98 49.71
CA PRO C 83 11.83 9.40 49.45
C PRO C 83 12.50 9.57 48.10
N VAL C 84 11.75 10.08 47.13
CA VAL C 84 12.12 10.04 45.73
C VAL C 84 12.57 11.42 45.27
N ARG C 85 13.77 11.47 44.68
CA ARG C 85 14.30 12.72 44.14
C ARG C 85 14.34 12.78 42.62
N VAL C 86 14.38 11.62 41.95
CA VAL C 86 14.42 11.56 40.50
C VAL C 86 13.24 10.71 40.03
N VAL C 87 12.50 11.21 39.05
CA VAL C 87 11.35 10.52 38.50
C VAL C 87 11.60 10.27 37.01
N PHE C 88 11.43 9.02 36.59
CA PHE C 88 11.63 8.61 35.20
C PHE C 88 10.29 8.16 34.65
N MET C 89 9.56 9.08 34.01
CA MET C 89 8.31 8.73 33.37
C MET C 89 8.59 8.03 32.04
N LEU C 90 7.92 6.90 31.81
CA LEU C 90 8.13 6.09 30.62
C LEU C 90 6.81 5.87 29.89
N ALA C 91 6.86 5.93 28.57
CA ALA C 91 5.71 5.65 27.72
C ALA C 91 6.19 4.78 26.57
N GLY C 92 5.77 3.53 26.53
CA GLY C 92 6.17 2.62 25.47
C GLY C 92 4.97 1.92 24.87
N ARG C 93 5.01 1.74 23.55
CA ARG C 93 3.86 1.18 22.85
C ARG C 93 3.58 -0.26 23.28
N THR C 94 4.62 -1.09 23.31
CA THR C 94 4.45 -2.52 23.54
C THR C 94 5.31 -2.98 24.71
N TRP C 95 5.03 -4.20 25.17
CA TRP C 95 5.84 -4.81 26.24
C TRP C 95 7.30 -4.94 25.82
N ASP C 96 7.56 -5.17 24.53
CA ASP C 96 8.93 -5.27 24.06
C ASP C 96 9.66 -3.94 24.15
N ASP C 97 8.94 -2.82 24.04
CA ASP C 97 9.56 -1.51 24.11
C ASP C 97 9.99 -1.17 25.54
N ILE C 98 9.10 -1.42 26.50
CA ILE C 98 9.35 -1.00 27.88
C ILE C 98 10.46 -1.84 28.53
N VAL C 99 10.55 -3.12 28.19
CA VAL C 99 11.55 -3.99 28.80
C VAL C 99 12.96 -3.52 28.45
N ILE C 100 13.16 -2.98 27.24
CA ILE C 100 14.49 -2.55 26.84
C ILE C 100 14.93 -1.34 27.65
N VAL C 101 14.07 -0.33 27.77
CA VAL C 101 14.45 0.87 28.52
C VAL C 101 14.54 0.59 30.00
N LEU C 102 13.80 -0.40 30.50
CA LEU C 102 13.81 -0.68 31.94
C LEU C 102 15.16 -1.21 32.38
N LYS C 103 15.81 -2.04 31.56
CA LYS C 103 17.17 -2.48 31.88
C LYS C 103 18.16 -1.35 31.69
N TRP C 104 17.93 -0.49 30.69
CA TRP C 104 18.80 0.66 30.49
C TRP C 104 18.73 1.61 31.68
N ILE C 105 17.53 1.81 32.23
CA ILE C 105 17.38 2.66 33.41
C ILE C 105 17.98 1.99 34.64
N LYS C 106 17.89 0.66 34.72
CA LYS C 106 18.56 -0.05 35.82
C LYS C 106 20.05 0.25 35.82
N ASP C 107 20.66 0.34 34.63
CA ASP C 107 22.06 0.75 34.54
C ASP C 107 22.23 2.24 34.80
N VAL C 108 21.18 3.04 34.57
CA VAL C 108 21.25 4.47 34.89
C VAL C 108 21.34 4.67 36.40
N ILE C 109 20.44 4.04 37.16
CA ILE C 109 20.33 4.28 38.59
C ILE C 109 21.34 3.50 39.41
N LEU C 110 22.20 2.70 38.78
CA LEU C 110 23.32 2.05 39.46
C LEU C 110 24.64 2.68 39.09
N ASP C 111 24.62 3.97 38.76
CA ASP C 111 25.81 4.74 38.41
C ASP C 111 25.81 5.97 39.32
N GLU C 112 26.41 5.83 40.50
CA GLU C 112 26.36 6.89 41.51
C GLU C 112 26.85 8.22 40.96
N GLU C 113 28.08 8.23 40.42
CA GLU C 113 28.68 9.48 39.96
C GLU C 113 27.84 10.13 38.87
N PHE C 114 27.35 9.35 37.91
CA PHE C 114 26.35 9.87 36.97
C PHE C 114 25.13 10.36 37.72
N MET C 115 24.57 9.52 38.61
CA MET C 115 23.36 9.89 39.31
C MET C 115 23.57 11.13 40.17
N LYS C 116 24.73 11.23 40.83
CA LYS C 116 25.03 12.41 41.63
C LYS C 116 25.02 13.68 40.79
N ARG C 117 25.35 13.57 39.50
CA ARG C 117 25.33 14.76 38.65
C ARG C 117 23.90 15.28 38.45
N LEU C 118 22.92 14.37 38.41
CA LEU C 118 21.54 14.80 38.12
C LEU C 118 21.01 15.74 39.18
N LEU C 119 21.40 15.50 40.44
CA LEU C 119 20.83 16.28 41.54
C LEU C 119 21.18 17.76 41.43
N ASN C 120 22.36 18.08 40.91
CA ASN C 120 22.87 19.45 40.88
C ASN C 120 23.25 19.87 39.46
N MET C 121 22.36 19.61 38.50
CA MET C 121 22.51 20.11 37.14
C MET C 121 21.20 20.76 36.69
N SER C 122 21.30 21.65 35.73
CA SER C 122 20.11 22.34 35.22
C SER C 122 19.41 21.48 34.17
N ASP C 123 18.26 21.98 33.72
CA ASP C 123 17.47 21.26 32.73
C ASP C 123 18.20 21.12 31.40
N GLU C 124 19.16 22.00 31.11
CA GLU C 124 19.92 21.89 29.88
C GLU C 124 21.04 20.85 30.01
N GLU C 125 21.83 20.94 31.07
CA GLU C 125 22.93 20.01 31.28
C GLU C 125 22.44 18.58 31.44
N ILE C 126 21.22 18.39 31.97
CA ILE C 126 20.67 17.05 32.11
C ILE C 126 20.34 16.47 30.73
N TYR C 127 19.69 17.26 29.88
CA TYR C 127 19.40 16.80 28.52
C TYR C 127 20.67 16.40 27.79
N ARG C 128 21.73 17.21 27.91
CA ARG C 128 22.98 16.92 27.20
C ARG C 128 23.59 15.60 27.64
N GLN C 129 23.38 15.21 28.90
CA GLN C 129 23.99 14.00 29.44
C GLN C 129 23.17 12.75 29.13
N ILE C 130 21.84 12.84 29.21
CA ILE C 130 21.02 11.67 28.91
C ILE C 130 20.96 11.42 27.42
N TYR C 131 20.87 12.48 26.61
CA TYR C 131 20.88 12.34 25.16
C TYR C 131 22.15 11.66 24.69
N THR C 132 23.30 12.09 25.20
CA THR C 132 24.57 11.51 24.78
C THR C 132 24.67 10.04 25.14
N ARG C 133 24.06 9.64 26.26
CA ARG C 133 24.09 8.24 26.66
C ARG C 133 23.06 7.42 25.88
N ILE C 134 21.91 8.00 25.56
CA ILE C 134 20.95 7.32 24.70
C ILE C 134 21.53 7.13 23.31
N SER C 135 22.29 8.11 22.83
CA SER C 135 22.89 8.01 21.50
C SER C 135 23.90 6.89 21.44
N LYS C 136 24.68 6.70 22.51
CA LYS C 136 25.70 5.66 22.52
C LYS C 136 25.12 4.27 22.63
N ALA C 137 23.85 4.14 22.99
CA ALA C 137 23.24 2.83 23.14
C ALA C 137 22.97 2.21 21.78
N PRO C 138 23.30 0.93 21.58
CA PRO C 138 22.97 0.30 20.30
C PRO C 138 21.47 0.09 20.12
N ASN C 139 20.76 -0.26 21.19
CA ASN C 139 19.30 -0.21 21.18
C ASN C 139 18.85 1.23 21.34
N LEU C 140 17.67 1.43 21.92
CA LEU C 140 17.08 2.73 22.24
C LEU C 140 16.72 3.55 21.00
N SER C 141 16.83 2.99 19.80
CA SER C 141 16.28 3.66 18.62
C SER C 141 14.76 3.55 18.67
N GLY C 142 14.08 4.68 18.56
CA GLY C 142 12.63 4.72 18.66
C GLY C 142 12.12 5.40 19.93
N ILE C 143 13.00 5.67 20.89
CA ILE C 143 12.65 6.48 22.05
C ILE C 143 12.97 7.93 21.74
N ASN C 144 12.13 8.84 22.19
CA ASN C 144 12.31 10.27 21.93
C ASN C 144 12.66 10.98 23.22
N PHE C 145 13.67 11.85 23.16
CA PHE C 145 14.09 12.63 24.32
C PHE C 145 14.57 13.98 23.81
N SER C 146 13.72 15.00 23.95
CA SER C 146 14.03 16.36 23.58
C SER C 146 14.26 17.20 24.84
N ARG C 147 14.54 18.49 24.62
CA ARG C 147 14.93 19.37 25.71
C ARG C 147 13.75 19.79 26.58
N GLU C 148 12.52 19.52 26.16
CA GLU C 148 11.34 19.92 26.91
C GLU C 148 10.89 18.88 27.92
N TYR C 149 11.62 17.78 28.08
CA TYR C 149 11.24 16.71 28.98
C TYR C 149 12.01 16.71 30.29
N VAL C 150 12.70 17.81 30.61
CA VAL C 150 13.45 17.93 31.86
C VAL C 150 12.81 19.06 32.67
N ARG C 151 12.40 18.76 33.90
CA ARG C 151 11.72 19.72 34.74
C ARG C 151 12.12 19.52 36.18
N HIS C 152 12.49 20.61 36.85
CA HIS C 152 12.74 20.60 38.28
C HIS C 152 11.44 20.92 39.03
N LEU C 153 11.31 20.33 40.22
CA LEU C 153 10.11 20.51 41.03
C LEU C 153 10.46 20.61 42.52
#